data_3EBQ
#
_entry.id   3EBQ
#
_cell.length_a   41.625
_cell.length_b   41.625
_cell.length_c   184.239
_cell.angle_alpha   90.00
_cell.angle_beta   90.00
_cell.angle_gamma   90.00
#
_symmetry.space_group_name_H-M   'P 43 21 2'
#
loop_
_entity.id
_entity.type
_entity.pdbx_description
1 polymer 'MOLECULE: PPPDE1 (PERMUTED PAPAIN FOLD PEPTIDASES OF DSRNA VIRUSES AND EUKARYOTES 1), UPF0326 protein FAM152B'
2 non-polymer 'MERCURY (II) ION'
3 water water
#
_entity_poly.entity_id   1
_entity_poly.type   'polypeptide(L)'
_entity_poly.pdbx_seq_one_letter_code
;GSMEPPNLYPVKLYVYDLSKGLARRLSPIMLGKQLEGIWHTSIVVHKDEFFFGSGGISSCPPGGTLLGPPDSVVDVGSTE
VTEEIFLEYLSSLGESLFRGEAYNLFEHNCNTFSNEVAQFLTGRKIPSYITDLPSEVLSTPFGQALRPLLDSIQIQPPGG
SSVGRPNGQS
;
_entity_poly.pdbx_strand_id   A
#
# COMPACT_ATOMS: atom_id res chain seq x y z
N ASN A 7 -22.56 -13.85 -5.77
CA ASN A 7 -22.31 -12.99 -4.57
C ASN A 7 -21.18 -12.00 -4.83
N LEU A 8 -21.45 -10.71 -4.64
CA LEU A 8 -20.44 -9.64 -4.79
C LEU A 8 -20.05 -9.02 -3.45
N TYR A 9 -18.74 -8.76 -3.30
CA TYR A 9 -18.18 -8.24 -2.06
C TYR A 9 -17.39 -6.95 -2.34
N PRO A 10 -17.68 -5.88 -1.60
CA PRO A 10 -17.00 -4.60 -1.79
C PRO A 10 -15.54 -4.69 -1.40
N VAL A 11 -14.71 -4.07 -2.23
CA VAL A 11 -13.26 -3.96 -2.01
C VAL A 11 -12.88 -2.49 -1.78
N LYS A 12 -12.17 -2.20 -0.68
CA LYS A 12 -11.72 -0.84 -0.39
C LYS A 12 -10.20 -0.77 -0.29
N LEU A 13 -9.67 0.40 -0.65
CA LEU A 13 -8.29 0.75 -0.42
C LEU A 13 -8.28 1.77 0.72
N TYR A 14 -7.72 1.37 1.86
CA TYR A 14 -7.46 2.28 2.96
C TYR A 14 -6.15 3.04 2.69
N VAL A 15 -6.24 4.37 2.77
CA VAL A 15 -5.13 5.22 2.39
C VAL A 15 -4.66 6.02 3.60
N TYR A 16 -3.36 5.93 3.90
CA TYR A 16 -2.78 6.66 5.04
C TYR A 16 -1.61 7.52 4.60
N ASP A 17 -1.59 8.77 5.10
CA ASP A 17 -0.41 9.62 4.93
C ASP A 17 0.58 9.40 6.09
N LEU A 18 1.67 8.66 5.84
CA LEU A 18 2.62 8.34 6.91
C LEU A 18 3.22 9.58 7.55
N SER A 19 3.22 10.68 6.78
CA SER A 19 3.80 11.96 7.20
C SER A 19 2.85 12.84 7.98
N LYS A 20 1.59 12.42 8.10
CA LYS A 20 0.59 13.19 8.87
C LYS A 20 0.55 14.65 8.42
N GLY A 21 0.57 14.87 7.12
CA GLY A 21 0.49 16.22 6.56
C GLY A 21 1.82 16.95 6.39
N LEU A 22 2.91 16.37 6.90
CA LEU A 22 4.24 17.01 6.82
C LEU A 22 4.81 17.10 5.38
N ALA A 23 4.57 16.07 4.57
CA ALA A 23 5.04 16.04 3.18
C ALA A 23 4.49 17.24 2.41
N ARG A 24 3.21 17.48 2.57
CA ARG A 24 2.52 18.58 1.91
C ARG A 24 3.17 19.93 2.21
N ARG A 25 3.49 20.12 3.48
CA ARG A 25 4.11 21.35 3.93
C ARG A 25 5.60 21.43 3.56
N LEU A 26 6.34 20.36 3.81
CA LEU A 26 7.81 20.36 3.76
C LEU A 26 8.45 19.85 2.47
N SER A 27 7.67 19.18 1.60
CA SER A 27 8.27 18.60 0.39
C SER A 27 9.00 19.61 -0.53
N PRO A 28 8.41 20.79 -0.79
CA PRO A 28 9.16 21.76 -1.60
C PRO A 28 10.59 22.09 -1.08
N ILE A 29 10.76 22.28 0.23
CA ILE A 29 12.11 22.58 0.76
C ILE A 29 12.98 21.32 0.86
N MET A 30 12.39 20.19 1.25
CA MET A 30 13.18 18.96 1.42
C MET A 30 13.58 18.38 0.06
N LEU A 31 12.62 18.37 -0.85
CA LEU A 31 12.71 17.57 -2.09
C LEU A 31 12.75 18.38 -3.38
N GLY A 32 12.40 19.67 -3.30
CA GLY A 32 12.34 20.54 -4.50
C GLY A 32 11.10 20.34 -5.37
N LYS A 33 10.07 19.72 -4.80
CA LYS A 33 8.88 19.26 -5.53
C LYS A 33 7.70 19.07 -4.59
N GLN A 34 6.48 19.29 -5.11
CA GLN A 34 5.29 19.23 -4.27
C GLN A 34 4.68 17.82 -4.23
N LEU A 35 4.80 17.17 -3.07
CA LEU A 35 4.09 15.92 -2.81
C LEU A 35 3.01 16.21 -1.80
N GLU A 36 1.92 15.46 -1.87
CA GLU A 36 0.75 15.68 -1.03
C GLU A 36 0.74 14.76 0.20
N GLY A 37 1.44 13.64 0.10
CA GLY A 37 1.49 12.71 1.19
C GLY A 37 2.53 11.63 0.99
N ILE A 38 2.87 10.94 2.05
CA ILE A 38 3.74 9.77 1.93
C ILE A 38 2.83 8.58 2.08
N TRP A 39 2.39 8.03 0.94
CA TRP A 39 1.20 7.17 0.92
C TRP A 39 1.50 5.72 1.28
N HIS A 40 0.89 5.25 2.37
CA HIS A 40 0.75 3.82 2.67
C HIS A 40 -0.68 3.37 2.47
N THR A 41 -0.87 2.18 1.85
CA THR A 41 -2.23 1.63 1.63
C THR A 41 -2.37 0.18 2.06
N SER A 42 -3.62 -0.25 2.18
CA SER A 42 -3.92 -1.64 2.55
C SER A 42 -5.26 -1.95 1.88
N ILE A 43 -5.58 -3.25 1.74
CA ILE A 43 -6.86 -3.64 1.14
C ILE A 43 -7.82 -4.12 2.24
N VAL A 44 -9.03 -3.59 2.24
CA VAL A 44 -10.06 -4.02 3.16
C VAL A 44 -11.11 -4.74 2.35
N VAL A 45 -11.30 -6.02 2.66
CA VAL A 45 -12.27 -6.89 1.97
C VAL A 45 -12.61 -8.01 2.94
N HIS A 46 -13.83 -8.54 2.88
CA HIS A 46 -14.26 -9.59 3.78
C HIS A 46 -13.97 -9.25 5.24
N LYS A 47 -14.22 -7.99 5.60
CA LYS A 47 -14.10 -7.51 6.99
C LYS A 47 -12.74 -7.45 7.67
N ASP A 48 -11.66 -7.51 6.91
CA ASP A 48 -10.32 -7.40 7.47
C ASP A 48 -9.49 -6.50 6.61
N GLU A 49 -8.44 -5.94 7.22
CA GLU A 49 -7.51 -5.07 6.55
C GLU A 49 -6.17 -5.82 6.33
N PHE A 50 -5.79 -5.97 5.06
CA PHE A 50 -4.64 -6.77 4.66
C PHE A 50 -3.55 -5.87 4.16
N PHE A 51 -2.31 -6.14 4.57
CA PHE A 51 -1.18 -5.32 4.19
C PHE A 51 0.12 -6.13 4.21
N PHE A 52 1.16 -5.51 3.71
CA PHE A 52 2.44 -6.19 3.53
C PHE A 52 3.44 -5.56 4.53
N GLY A 53 4.67 -6.02 4.55
CA GLY A 53 5.68 -5.39 5.40
C GLY A 53 6.80 -6.39 5.49
N SER A 54 7.82 -6.08 6.29
CA SER A 54 9.00 -6.93 6.39
C SER A 54 8.68 -8.21 7.14
N GLY A 55 7.55 -8.22 7.84
CA GLY A 55 7.04 -9.43 8.49
C GLY A 55 6.26 -10.37 7.57
N GLY A 56 6.06 -9.95 6.32
CA GLY A 56 5.17 -10.65 5.41
C GLY A 56 3.77 -10.06 5.35
N ILE A 57 2.82 -10.83 4.82
CA ILE A 57 1.42 -10.39 4.75
C ILE A 57 0.78 -10.53 6.13
N SER A 58 0.10 -9.48 6.56
CA SER A 58 -0.61 -9.45 7.83
C SER A 58 -2.00 -8.93 7.66
N SER A 59 -2.88 -9.21 8.64
CA SER A 59 -4.18 -8.53 8.70
C SER A 59 -4.54 -8.05 10.08
N CYS A 60 -5.24 -6.92 10.15
CA CYS A 60 -5.89 -6.49 11.38
C CYS A 60 -7.35 -6.18 11.10
N PRO A 61 -8.17 -6.02 12.17
CA PRO A 61 -9.48 -5.41 11.90
C PRO A 61 -9.31 -4.07 11.20
N PRO A 62 -10.26 -3.73 10.32
CA PRO A 62 -10.11 -2.48 9.60
C PRO A 62 -9.93 -1.26 10.52
N GLY A 63 -8.87 -0.49 10.26
CA GLY A 63 -8.56 0.70 11.03
C GLY A 63 -7.89 0.37 12.36
N GLY A 64 -7.67 -0.93 12.60
CA GLY A 64 -7.07 -1.44 13.83
C GLY A 64 -5.61 -1.81 13.80
N THR A 65 -4.85 -1.34 12.80
CA THR A 65 -3.39 -1.42 12.85
C THR A 65 -2.82 -0.35 13.80
N LEU A 66 -1.51 -0.35 13.98
CA LEU A 66 -0.85 0.65 14.84
C LEU A 66 -1.07 2.10 14.34
N LEU A 67 -1.32 2.22 13.03
CA LEU A 67 -1.52 3.50 12.35
C LEU A 67 -2.86 4.14 12.71
N GLY A 68 -3.82 3.32 13.13
CA GLY A 68 -5.15 3.78 13.48
C GLY A 68 -6.06 3.93 12.26
N PRO A 69 -7.04 4.85 12.34
CA PRO A 69 -8.04 5.09 11.28
C PRO A 69 -7.40 5.70 10.02
N PRO A 70 -7.85 5.27 8.83
CA PRO A 70 -7.27 5.79 7.58
C PRO A 70 -7.61 7.25 7.35
N ASP A 71 -6.79 7.91 6.54
CA ASP A 71 -7.01 9.27 6.04
C ASP A 71 -8.05 9.34 4.94
N SER A 72 -8.14 8.28 4.12
CA SER A 72 -9.21 8.19 3.10
C SER A 72 -9.49 6.70 2.88
N VAL A 73 -10.76 6.40 2.58
CA VAL A 73 -11.21 5.06 2.23
C VAL A 73 -11.66 5.16 0.79
N VAL A 74 -10.95 4.48 -0.10
CA VAL A 74 -11.20 4.60 -1.52
C VAL A 74 -11.90 3.34 -2.00
N ASP A 75 -12.94 3.51 -2.82
CA ASP A 75 -13.66 2.39 -3.40
C ASP A 75 -12.92 1.82 -4.60
N VAL A 76 -12.52 0.55 -4.52
CA VAL A 76 -11.85 -0.10 -5.63
C VAL A 76 -12.87 -0.75 -6.58
N GLY A 77 -13.80 -1.51 -6.02
CA GLY A 77 -14.84 -2.13 -6.82
C GLY A 77 -15.39 -3.28 -6.01
N SER A 78 -15.99 -4.24 -6.71
CA SER A 78 -16.59 -5.41 -6.05
C SER A 78 -15.90 -6.62 -6.60
N THR A 79 -15.86 -7.69 -5.81
CA THR A 79 -15.22 -8.94 -6.20
C THR A 79 -16.17 -10.13 -5.95
N GLU A 80 -16.06 -11.15 -6.81
CA GLU A 80 -16.69 -12.45 -6.64
C GLU A 80 -15.88 -13.36 -5.70
N VAL A 81 -14.63 -13.02 -5.46
CA VAL A 81 -13.70 -13.90 -4.68
C VAL A 81 -14.11 -14.01 -3.20
N THR A 82 -14.38 -15.23 -2.74
CA THR A 82 -14.85 -15.49 -1.39
C THR A 82 -13.68 -15.40 -0.41
N GLU A 83 -13.99 -15.29 0.89
CA GLU A 83 -12.97 -15.24 1.94
C GLU A 83 -12.03 -16.45 1.88
N GLU A 84 -12.59 -17.64 1.70
CA GLU A 84 -11.73 -18.83 1.65
C GLU A 84 -10.75 -18.84 0.47
N ILE A 85 -11.21 -18.43 -0.71
CA ILE A 85 -10.35 -18.39 -1.91
C ILE A 85 -9.30 -17.26 -1.80
N PHE A 86 -9.73 -16.10 -1.32
CA PHE A 86 -8.82 -14.99 -1.07
C PHE A 86 -7.68 -15.35 -0.09
N LEU A 87 -7.99 -16.11 0.98
CA LEU A 87 -6.93 -16.50 1.92
C LEU A 87 -5.94 -17.50 1.30
N GLU A 88 -6.44 -18.40 0.44
CA GLU A 88 -5.59 -19.29 -0.35
C GLU A 88 -4.68 -18.48 -1.30
N TYR A 89 -5.27 -17.44 -1.89
CA TYR A 89 -4.54 -16.59 -2.81
C TYR A 89 -3.43 -15.87 -2.06
N LEU A 90 -3.78 -15.28 -0.90
CA LEU A 90 -2.76 -14.57 -0.11
C LEU A 90 -1.65 -15.47 0.35
N SER A 91 -2.00 -16.71 0.71
CA SER A 91 -1.00 -17.68 1.09
C SER A 91 -0.04 -17.94 -0.06
N SER A 92 -0.59 -18.07 -1.26
CA SER A 92 0.24 -18.24 -2.46
C SER A 92 1.20 -17.06 -2.64
N LEU A 93 0.66 -15.84 -2.53
CA LEU A 93 1.50 -14.63 -2.64
C LEU A 93 2.64 -14.65 -1.64
N GLY A 94 2.32 -15.00 -0.40
CA GLY A 94 3.26 -14.90 0.69
C GLY A 94 4.37 -15.92 0.69
N GLU A 95 4.20 -16.97 -0.12
CA GLU A 95 5.20 -18.02 -0.26
C GLU A 95 6.06 -17.76 -1.48
N SER A 96 5.71 -16.72 -2.26
CA SER A 96 6.35 -16.52 -3.58
C SER A 96 6.94 -15.09 -3.77
N LEU A 97 6.09 -14.09 -4.00
CA LEU A 97 6.59 -12.76 -4.25
C LEU A 97 6.44 -11.82 -3.03
N PHE A 98 5.72 -12.27 -1.99
CA PHE A 98 5.47 -11.42 -0.81
C PHE A 98 5.87 -12.09 0.49
N ARG A 99 6.98 -12.79 0.40
CA ARG A 99 7.74 -13.14 1.60
C ARG A 99 8.24 -11.83 2.21
N GLY A 100 8.32 -11.80 3.54
CA GLY A 100 8.77 -10.58 4.25
C GLY A 100 10.12 -10.09 3.75
N GLU A 101 11.00 -11.03 3.37
CA GLU A 101 12.34 -10.69 2.83
C GLU A 101 12.30 -9.81 1.55
N ALA A 102 11.22 -9.93 0.78
CA ALA A 102 11.08 -9.15 -0.43
C ALA A 102 10.61 -7.71 -0.23
N TYR A 103 10.25 -7.31 1.00
CA TYR A 103 9.82 -5.93 1.26
C TYR A 103 10.98 -5.01 0.91
N ASN A 104 10.69 -4.01 0.09
CA ASN A 104 11.63 -2.95 -0.21
C ASN A 104 10.87 -1.65 -0.27
N LEU A 105 11.33 -0.67 0.49
CA LEU A 105 10.54 0.54 0.68
C LEU A 105 10.21 1.20 -0.64
N PHE A 106 11.17 1.21 -1.58
CA PHE A 106 10.93 1.89 -2.85
C PHE A 106 10.32 1.03 -3.97
N GLU A 107 10.67 -0.25 -4.01
CA GLU A 107 10.43 -1.07 -5.19
C GLU A 107 9.39 -2.17 -5.00
N HIS A 108 9.17 -2.58 -3.76
CA HIS A 108 8.26 -3.71 -3.49
C HIS A 108 7.65 -3.52 -2.10
N ASN A 109 6.68 -2.59 -2.00
CA ASN A 109 6.21 -2.12 -0.70
C ASN A 109 4.72 -2.46 -0.49
N CYS A 110 4.12 -1.88 0.54
N CYS A 110 4.12 -1.90 0.55
CA CYS A 110 2.71 -2.11 0.83
CA CYS A 110 2.72 -2.13 0.84
C CYS A 110 1.79 -1.68 -0.30
C CYS A 110 1.83 -1.74 -0.34
N ASN A 111 2.20 -0.68 -1.07
CA ASN A 111 1.38 -0.25 -2.22
C ASN A 111 1.52 -1.22 -3.41
N THR A 112 2.73 -1.76 -3.61
CA THR A 112 2.94 -2.87 -4.58
C THR A 112 1.94 -4.00 -4.27
N PHE A 113 1.87 -4.40 -3.01
CA PHE A 113 0.91 -5.43 -2.57
C PHE A 113 -0.52 -5.03 -2.88
N SER A 114 -0.93 -3.83 -2.42
CA SER A 114 -2.33 -3.42 -2.57
C SER A 114 -2.69 -3.36 -4.03
N ASN A 115 -1.80 -2.81 -4.85
CA ASN A 115 -2.03 -2.75 -6.30
C ASN A 115 -2.27 -4.16 -6.93
N GLU A 116 -1.42 -5.12 -6.64
N GLU A 116 -1.40 -5.12 -6.63
CA GLU A 116 -1.59 -6.44 -7.25
CA GLU A 116 -1.58 -6.46 -7.20
C GLU A 116 -2.83 -7.19 -6.70
C GLU A 116 -2.90 -7.10 -6.73
N VAL A 117 -3.18 -6.95 -5.43
CA VAL A 117 -4.41 -7.54 -4.84
C VAL A 117 -5.67 -6.90 -5.46
N ALA A 118 -5.69 -5.56 -5.57
CA ALA A 118 -6.77 -4.86 -6.32
C ALA A 118 -7.01 -5.44 -7.70
N GLN A 119 -5.94 -5.64 -8.44
CA GLN A 119 -6.01 -6.17 -9.80
C GLN A 119 -6.60 -7.59 -9.81
N PHE A 120 -6.17 -8.44 -8.87
CA PHE A 120 -6.67 -9.81 -8.79
C PHE A 120 -8.17 -9.79 -8.50
N LEU A 121 -8.55 -8.97 -7.52
CA LEU A 121 -9.94 -8.98 -7.04
C LEU A 121 -10.95 -8.28 -7.98
N THR A 122 -10.52 -7.20 -8.64
CA THR A 122 -11.47 -6.34 -9.36
C THR A 122 -11.07 -6.01 -10.79
N GLY A 123 -9.84 -6.40 -11.15
CA GLY A 123 -9.26 -6.07 -12.41
C GLY A 123 -8.79 -4.62 -12.52
N ARG A 124 -8.90 -3.83 -11.44
CA ARG A 124 -8.41 -2.45 -11.50
C ARG A 124 -7.10 -2.27 -10.76
N LYS A 125 -6.25 -1.38 -11.30
CA LYS A 125 -5.10 -0.91 -10.55
C LYS A 125 -5.45 0.27 -9.62
N ILE A 126 -4.58 0.50 -8.62
CA ILE A 126 -4.73 1.62 -7.72
C ILE A 126 -4.07 2.84 -8.41
N PRO A 127 -4.44 4.06 -8.00
CA PRO A 127 -3.90 5.25 -8.70
C PRO A 127 -2.38 5.38 -8.70
N SER A 128 -1.85 5.81 -9.83
CA SER A 128 -0.41 5.95 -10.01
C SER A 128 0.21 6.96 -9.02
N TYR A 129 -0.57 7.93 -8.53
CA TYR A 129 0.06 8.94 -7.68
C TYR A 129 0.53 8.28 -6.37
N ILE A 130 -0.10 7.16 -5.97
CA ILE A 130 0.39 6.33 -4.86
C ILE A 130 1.58 5.46 -5.27
N THR A 131 1.41 4.69 -6.34
CA THR A 131 2.48 3.76 -6.76
C THR A 131 3.74 4.46 -7.25
N ASP A 132 3.61 5.67 -7.80
CA ASP A 132 4.79 6.39 -8.31
C ASP A 132 5.59 7.16 -7.26
N LEU A 133 5.09 7.22 -6.03
CA LEU A 133 5.73 8.03 -4.99
C LEU A 133 7.22 7.70 -4.79
N PRO A 134 7.55 6.41 -4.59
CA PRO A 134 8.94 6.09 -4.35
C PRO A 134 9.87 6.61 -5.45
N SER A 135 9.43 6.52 -6.72
CA SER A 135 10.24 7.03 -7.82
C SER A 135 10.42 8.56 -7.76
N GLU A 136 9.37 9.27 -7.37
CA GLU A 136 9.44 10.75 -7.20
C GLU A 136 10.48 11.11 -6.15
N VAL A 137 10.47 10.38 -5.04
CA VAL A 137 11.41 10.65 -3.97
C VAL A 137 12.84 10.37 -4.46
N LEU A 138 13.03 9.26 -5.17
CA LEU A 138 14.37 8.83 -5.59
C LEU A 138 15.00 9.76 -6.62
N SER A 139 14.16 10.39 -7.43
CA SER A 139 14.60 11.37 -8.43
C SER A 139 15.09 12.69 -7.82
N THR A 140 15.38 12.71 -6.53
CA THR A 140 15.80 13.96 -5.91
C THR A 140 17.15 13.78 -5.21
N PRO A 141 17.94 14.88 -5.08
CA PRO A 141 19.16 14.80 -4.28
C PRO A 141 18.97 14.16 -2.89
N PHE A 142 17.89 14.54 -2.21
CA PHE A 142 17.50 13.99 -0.90
C PHE A 142 17.35 12.47 -0.97
N GLY A 143 16.48 12.00 -1.87
CA GLY A 143 16.23 10.56 -2.07
C GLY A 143 17.50 9.78 -2.39
N GLN A 144 18.37 10.38 -3.20
CA GLN A 144 19.61 9.74 -3.60
C GLN A 144 20.64 9.68 -2.46
N ALA A 145 20.62 10.70 -1.60
CA ALA A 145 21.53 10.73 -0.46
C ALA A 145 21.08 9.80 0.68
N LEU A 146 19.76 9.64 0.84
CA LEU A 146 19.23 8.81 1.95
C LEU A 146 18.87 7.38 1.52
N ARG A 147 19.05 7.10 0.22
CA ARG A 147 18.79 5.76 -0.33
C ARG A 147 19.48 4.59 0.41
N PRO A 148 20.82 4.67 0.66
CA PRO A 148 21.48 3.48 1.18
C PRO A 148 20.98 3.18 2.63
N LEU A 149 20.69 4.26 3.44
CA LEU A 149 20.12 4.11 4.71
C LEU A 149 18.89 3.21 4.71
N LEU A 150 17.98 3.46 3.76
CA LEU A 150 16.88 2.55 3.32
C LEU A 150 16.13 1.62 4.27
#